data_7WAX
#
_entry.id   7WAX
#
_cell.length_a   56.560
_cell.length_b   72.440
_cell.length_c   75.250
_cell.angle_alpha   90.00
_cell.angle_beta   94.96
_cell.angle_gamma   90.00
#
_symmetry.space_group_name_H-M   'P 1 21 1'
#
loop_
_entity.id
_entity.type
_entity.pdbx_description
1 polymer 'lipid II flippase MurJ'
2 non-polymer '(2R)-2,3-dihydroxypropyl (9Z)-octadec-9-enoate'
3 non-polymer (4S)-2-METHYL-2,4-PENTANEDIOL
4 water water
#
_entity_poly.entity_id   1
_entity_poly.type   'polypeptide(L)'
_entity_poly.pdbx_seq_one_letter_code
;MNLLKSLAAISSMTMFSRILGFIRDAIIARFFGAGAATDAFFVAFRLPNLLRRIFAEGAFSQAFVPILAEYKNQQGDEAT
RTFIAYVSGLLTLILAIVTLAGILAAPWIIYITAPGFTDTPDKFDLTVRLLRITFPYILLISLASLAGAILNTWNRFSVP
AFAPTLLNISMIISVLLLAPYCEPPIIALGWGVFAGGILQLLYQLPYLQKIGMLVLPRISFRNSGVWRVLKLMGPAIIGV
SVSQISLIINTIFASFLQSGSVSWMYYADRLMELPTGVLGVALGTILLPSLAKSFSTGDHKEYQRLMDWGLRLCFLLALP
CAIALAILAEPLTVSLFQYGNFTAYDAVMTQRALIAYCVGLMGLIVVKVLAPGFYSRQDIKTPVKIAIITLILTQLMNLA
FIGSLKHAGLALSISLAACFNALMLYWQLRRQAIFSPLVGWGKFLLKLIAALIVMVAVLLLLLNFMPPWEQGNMLVRITR
LLLVVFAGAMSYFAALFIFGFRLRDFSQRAI
;
_entity_poly.pdbx_strand_id   A
#
loop_
_chem_comp.id
_chem_comp.type
_chem_comp.name
_chem_comp.formula
MPD non-polymer (4S)-2-METHYL-2,4-PENTANEDIOL 'C6 H14 O2'
OLC non-polymer '(2R)-2,3-dihydroxypropyl (9Z)-octadec-9-enoate' 'C21 H40 O4'
#
# COMPACT_ATOMS: atom_id res chain seq x y z
N ASN A 2 -0.39 9.04 -22.72
CA ASN A 2 0.85 9.15 -21.97
C ASN A 2 0.67 8.61 -20.55
N LEU A 3 1.42 7.56 -20.22
CA LEU A 3 1.31 6.95 -18.90
C LEU A 3 2.05 7.74 -17.84
N LEU A 4 3.04 8.56 -18.22
CA LEU A 4 3.59 9.53 -17.29
C LEU A 4 2.55 10.57 -16.91
N LYS A 5 1.77 11.02 -17.90
CA LYS A 5 0.62 11.88 -17.61
C LYS A 5 -0.35 11.21 -16.66
N SER A 6 -0.58 9.90 -16.86
CA SER A 6 -1.45 9.16 -15.96
C SER A 6 -0.90 9.13 -14.54
N LEU A 7 0.42 8.90 -14.40
CA LEU A 7 0.94 8.90 -13.04
C LEU A 7 0.84 10.28 -12.41
N ALA A 8 1.09 11.37 -13.16
CA ALA A 8 0.94 12.70 -12.59
C ALA A 8 -0.50 12.97 -12.17
N ALA A 9 -1.47 12.53 -12.99
CA ALA A 9 -2.86 12.75 -12.65
C ALA A 9 -3.25 11.98 -11.38
N ILE A 10 -2.80 10.72 -11.27
CA ILE A 10 -3.11 9.92 -10.08
C ILE A 10 -2.48 10.56 -8.84
N SER A 11 -1.25 11.04 -8.96
CA SER A 11 -0.59 11.70 -7.85
C SER A 11 -1.37 12.93 -7.40
N SER A 12 -1.77 13.77 -8.37
CA SER A 12 -2.51 14.98 -8.02
C SER A 12 -3.86 14.65 -7.40
N MET A 13 -4.51 13.58 -7.84
CA MET A 13 -5.81 13.22 -7.29
C MET A 13 -5.71 12.63 -5.89
N THR A 14 -4.58 12.00 -5.54
CA THR A 14 -4.43 11.36 -4.24
C THR A 14 -3.64 12.20 -3.22
N MET A 15 -3.09 13.35 -3.63
CA MET A 15 -2.21 14.13 -2.77
C MET A 15 -2.85 14.49 -1.43
N PHE A 16 -4.08 15.04 -1.47
CA PHE A 16 -4.72 15.55 -0.26
C PHE A 16 -4.98 14.43 0.75
N SER A 17 -5.53 13.31 0.26
CA SER A 17 -5.78 12.17 1.11
C SER A 17 -4.48 11.65 1.72
N ARG A 18 -3.40 11.61 0.93
CA ARG A 18 -2.14 11.10 1.49
C ARG A 18 -1.57 12.02 2.55
N ILE A 19 -1.61 13.33 2.30
CA ILE A 19 -1.13 14.30 3.30
C ILE A 19 -1.90 14.15 4.60
N LEU A 20 -3.23 14.04 4.50
CA LEU A 20 -4.02 13.92 5.72
C LEU A 20 -3.81 12.57 6.40
N GLY A 21 -3.50 11.51 5.64
CA GLY A 21 -3.14 10.25 6.25
C GLY A 21 -1.88 10.35 7.08
N PHE A 22 -0.90 11.11 6.60
CA PHE A 22 0.32 11.29 7.38
C PHE A 22 0.10 12.19 8.59
N ILE A 23 -0.77 13.20 8.46
CA ILE A 23 -1.16 13.98 9.63
C ILE A 23 -1.81 13.06 10.68
N ARG A 24 -2.66 12.14 10.23
CA ARG A 24 -3.29 11.20 11.15
C ARG A 24 -2.27 10.30 11.83
N ASP A 25 -1.29 9.80 11.07
CA ASP A 25 -0.25 8.98 11.67
C ASP A 25 0.55 9.76 12.70
N ALA A 26 0.86 11.03 12.40
CA ALA A 26 1.58 11.86 13.36
C ALA A 26 0.77 12.10 14.63
N ILE A 27 -0.55 12.29 14.48
CA ILE A 27 -1.40 12.49 15.65
C ILE A 27 -1.42 11.22 16.51
N ILE A 28 -1.53 10.06 15.87
CA ILE A 28 -1.47 8.79 16.60
C ILE A 28 -0.14 8.66 17.35
N ALA A 29 0.97 9.03 16.70
CA ALA A 29 2.26 8.93 17.36
C ALA A 29 2.38 9.89 18.54
N ARG A 30 1.83 11.11 18.39
CA ARG A 30 1.92 12.07 19.48
C ARG A 30 1.09 11.65 20.68
N PHE A 31 -0.11 11.14 20.45
CA PHE A 31 -1.00 10.87 21.59
C PHE A 31 -0.83 9.48 22.17
N PHE A 32 -0.50 8.46 21.37
CA PHE A 32 -0.38 7.10 21.86
C PHE A 32 1.01 6.51 21.75
N GLY A 33 1.94 7.19 21.09
CA GLY A 33 3.32 6.70 21.06
C GLY A 33 3.46 5.43 20.26
N ALA A 34 4.34 4.54 20.74
CA ALA A 34 4.63 3.26 20.09
C ALA A 34 4.79 2.22 21.20
N GLY A 35 3.66 1.67 21.66
CA GLY A 35 3.64 0.76 22.78
C GLY A 35 2.54 -0.28 22.65
N ALA A 36 2.01 -0.72 23.79
CA ALA A 36 1.07 -1.83 23.80
C ALA A 36 -0.25 -1.46 23.13
N ALA A 37 -0.75 -0.25 23.37
CA ALA A 37 -2.04 0.15 22.82
C ALA A 37 -1.99 0.28 21.30
N THR A 38 -0.91 0.89 20.77
CA THR A 38 -0.78 1.00 19.32
C THR A 38 -0.56 -0.38 18.70
N ASP A 39 0.22 -1.24 19.36
CA ASP A 39 0.38 -2.61 18.86
C ASP A 39 -0.97 -3.30 18.74
N ALA A 40 -1.80 -3.17 19.78
CA ALA A 40 -3.12 -3.78 19.74
C ALA A 40 -3.97 -3.21 18.61
N PHE A 41 -3.91 -1.89 18.41
CA PHE A 41 -4.69 -1.28 17.33
C PHE A 41 -4.22 -1.75 15.96
N PHE A 42 -2.91 -1.81 15.74
CA PHE A 42 -2.38 -2.18 14.43
C PHE A 42 -2.65 -3.64 14.12
N VAL A 43 -2.56 -4.52 15.12
CA VAL A 43 -2.88 -5.92 14.89
C VAL A 43 -4.37 -6.11 14.67
N ALA A 44 -5.20 -5.34 15.38
CA ALA A 44 -6.64 -5.56 15.31
C ALA A 44 -7.27 -4.90 14.08
N PHE A 45 -6.72 -3.80 13.59
CA PHE A 45 -7.32 -3.07 12.48
C PHE A 45 -6.51 -3.18 11.19
N ARG A 46 -5.20 -2.91 11.24
CA ARG A 46 -4.42 -2.85 10.01
C ARG A 46 -4.30 -4.21 9.35
N LEU A 47 -4.06 -5.27 10.14
CA LEU A 47 -3.92 -6.60 9.53
C LEU A 47 -5.18 -7.06 8.83
N PRO A 48 -6.38 -7.03 9.43
CA PRO A 48 -7.58 -7.40 8.66
C PRO A 48 -7.81 -6.50 7.46
N ASN A 49 -7.53 -5.20 7.59
CA ASN A 49 -7.70 -4.30 6.45
C ASN A 49 -6.77 -4.68 5.30
N LEU A 50 -5.53 -5.05 5.61
CA LEU A 50 -4.59 -5.44 4.56
C LEU A 50 -4.99 -6.75 3.92
N LEU A 51 -5.48 -7.71 4.72
CA LEU A 51 -5.97 -8.97 4.13
C LEU A 51 -7.17 -8.72 3.22
N ARG A 52 -8.10 -7.87 3.68
CA ARG A 52 -9.24 -7.49 2.86
C ARG A 52 -8.80 -6.83 1.55
N ARG A 53 -7.81 -5.92 1.63
CA ARG A 53 -7.34 -5.25 0.42
C ARG A 53 -6.66 -6.22 -0.53
N ILE A 54 -5.89 -7.18 0.00
CA ILE A 54 -5.29 -8.20 -0.84
C ILE A 54 -6.37 -8.96 -1.60
N PHE A 55 -7.42 -9.38 -0.89
CA PHE A 55 -8.51 -10.09 -1.55
C PHE A 55 -9.23 -9.21 -2.57
N ALA A 56 -9.45 -7.94 -2.22
CA ALA A 56 -10.26 -7.06 -3.06
C ALA A 56 -9.54 -6.71 -4.36
N GLU A 57 -8.26 -6.35 -4.27
CA GLU A 57 -7.50 -5.93 -5.43
C GLU A 57 -6.88 -7.08 -6.20
N GLY A 58 -6.72 -8.25 -5.58
CA GLY A 58 -6.15 -9.38 -6.28
C GLY A 58 -7.19 -10.34 -6.85
N ALA A 59 -8.42 -10.27 -6.34
CA ALA A 59 -9.45 -11.22 -6.76
C ALA A 59 -10.73 -10.53 -7.23
N PHE A 60 -11.32 -9.68 -6.38
CA PHE A 60 -12.66 -9.19 -6.67
C PHE A 60 -12.67 -8.18 -7.81
N SER A 61 -11.79 -7.18 -7.74
CA SER A 61 -11.85 -6.07 -8.71
C SER A 61 -11.51 -6.54 -10.12
N GLN A 62 -10.45 -7.34 -10.26
CA GLN A 62 -10.07 -7.87 -11.58
C GLN A 62 -11.17 -8.71 -12.21
N ALA A 63 -12.18 -9.11 -11.44
CA ALA A 63 -13.33 -9.84 -11.97
C ALA A 63 -14.56 -8.96 -12.11
N PHE A 64 -14.78 -8.04 -11.18
CA PHE A 64 -15.99 -7.22 -11.19
C PHE A 64 -15.91 -6.12 -12.24
N VAL A 65 -14.75 -5.45 -12.35
CA VAL A 65 -14.65 -4.30 -13.25
C VAL A 65 -14.84 -4.67 -14.71
N PRO A 66 -14.23 -5.75 -15.25
CA PRO A 66 -14.50 -6.08 -16.66
C PRO A 66 -15.95 -6.41 -16.94
N ILE A 67 -16.60 -7.17 -16.06
CA ILE A 67 -18.01 -7.51 -16.28
C ILE A 67 -18.88 -6.26 -16.18
N LEU A 68 -18.54 -5.36 -15.27
CA LEU A 68 -19.29 -4.11 -15.16
C LEU A 68 -19.12 -3.26 -16.42
N ALA A 69 -17.91 -3.23 -16.98
CA ALA A 69 -17.68 -2.46 -18.20
C ALA A 69 -18.44 -3.07 -19.37
N GLU A 70 -18.50 -4.41 -19.43
CA GLU A 70 -19.28 -5.05 -20.49
C GLU A 70 -20.76 -4.77 -20.32
N TYR A 71 -21.26 -4.75 -19.08
CA TYR A 71 -22.65 -4.37 -18.86
C TYR A 71 -22.90 -2.93 -19.30
N LYS A 72 -21.97 -2.03 -18.98
CA LYS A 72 -22.12 -0.62 -19.32
C LYS A 72 -22.09 -0.39 -20.83
N ASN A 73 -21.28 -1.15 -21.55
CA ASN A 73 -21.09 -0.89 -22.97
C ASN A 73 -22.00 -1.71 -23.88
N GLN A 74 -22.37 -2.93 -23.47
CA GLN A 74 -23.13 -3.83 -24.33
C GLN A 74 -24.59 -3.96 -23.93
N GLN A 75 -24.92 -3.71 -22.66
CA GLN A 75 -26.27 -3.83 -22.15
C GLN A 75 -26.78 -2.45 -21.74
N GLY A 76 -28.04 -2.40 -21.30
CA GLY A 76 -28.64 -1.15 -20.90
C GLY A 76 -28.41 -0.83 -19.43
N ASP A 77 -28.86 0.37 -19.04
CA ASP A 77 -28.66 0.82 -17.68
C ASP A 77 -29.48 0.02 -16.67
N GLU A 78 -30.64 -0.51 -17.09
CA GLU A 78 -31.48 -1.28 -16.17
C GLU A 78 -30.84 -2.62 -15.84
N ALA A 79 -30.35 -3.33 -16.84
CA ALA A 79 -29.66 -4.60 -16.60
C ALA A 79 -28.38 -4.37 -15.79
N THR A 80 -27.69 -3.26 -16.04
CA THR A 80 -26.50 -2.93 -15.26
C THR A 80 -26.86 -2.64 -13.80
N ARG A 81 -27.95 -1.90 -13.58
CA ARG A 81 -28.40 -1.64 -12.21
C ARG A 81 -28.78 -2.93 -11.50
N THR A 82 -29.42 -3.86 -12.22
CA THR A 82 -29.76 -5.15 -11.62
C THR A 82 -28.51 -5.94 -11.25
N PHE A 83 -27.53 -5.97 -12.17
CA PHE A 83 -26.25 -6.62 -11.87
C PHE A 83 -25.59 -6.02 -10.65
N ILE A 84 -25.57 -4.68 -10.55
CA ILE A 84 -24.96 -4.00 -9.42
C ILE A 84 -25.70 -4.33 -8.13
N ALA A 85 -27.03 -4.36 -8.18
CA ALA A 85 -27.82 -4.67 -7.00
C ALA A 85 -27.52 -6.06 -6.49
N TYR A 86 -27.47 -7.05 -7.40
CA TYR A 86 -27.19 -8.42 -6.97
C TYR A 86 -25.76 -8.56 -6.45
N VAL A 87 -24.80 -7.86 -7.07
CA VAL A 87 -23.42 -7.91 -6.60
C VAL A 87 -23.33 -7.35 -5.18
N SER A 88 -23.92 -6.17 -4.96
CA SER A 88 -23.86 -5.55 -3.65
C SER A 88 -24.60 -6.39 -2.61
N GLY A 89 -25.72 -7.02 -3.00
CA GLY A 89 -26.45 -7.83 -2.05
C GLY A 89 -25.68 -9.07 -1.63
N LEU A 90 -25.08 -9.77 -2.58
CA LEU A 90 -24.27 -10.94 -2.25
C LEU A 90 -23.09 -10.54 -1.38
N LEU A 91 -22.39 -9.46 -1.74
CA LEU A 91 -21.28 -8.99 -0.94
C LEU A 91 -21.71 -8.65 0.48
N THR A 92 -22.86 -7.97 0.62
CA THR A 92 -23.33 -7.57 1.93
C THR A 92 -23.68 -8.77 2.79
N LEU A 93 -24.36 -9.76 2.20
CA LEU A 93 -24.73 -10.94 2.97
C LEU A 93 -23.49 -11.72 3.42
N ILE A 94 -22.55 -11.94 2.50
CA ILE A 94 -21.34 -12.69 2.82
C ILE A 94 -20.56 -11.97 3.91
N LEU A 95 -20.40 -10.64 3.78
CA LEU A 95 -19.63 -9.90 4.75
C LEU A 95 -20.35 -9.77 6.09
N ALA A 96 -21.68 -9.79 6.09
CA ALA A 96 -22.41 -9.81 7.36
C ALA A 96 -22.19 -11.12 8.09
N ILE A 97 -22.26 -12.24 7.35
CA ILE A 97 -21.96 -13.53 7.97
C ILE A 97 -20.55 -13.55 8.53
N VAL A 98 -19.59 -13.03 7.76
CA VAL A 98 -18.20 -13.02 8.19
C VAL A 98 -18.02 -12.11 9.40
N THR A 99 -18.73 -10.97 9.43
CA THR A 99 -18.66 -10.07 10.57
C THR A 99 -19.15 -10.76 11.84
N LEU A 100 -20.30 -11.41 11.76
CA LEU A 100 -20.82 -12.15 12.91
C LEU A 100 -19.82 -13.21 13.37
N ALA A 101 -19.32 -14.01 12.43
CA ALA A 101 -18.44 -15.11 12.79
C ALA A 101 -17.13 -14.60 13.39
N GLY A 102 -16.62 -13.48 12.88
CA GLY A 102 -15.37 -12.94 13.39
C GLY A 102 -15.52 -12.23 14.72
N ILE A 103 -16.68 -11.63 14.96
CA ILE A 103 -16.95 -11.08 16.29
C ILE A 103 -17.04 -12.21 17.30
N LEU A 104 -17.66 -13.32 16.93
CA LEU A 104 -17.77 -14.44 17.86
C LEU A 104 -16.42 -15.13 18.08
N ALA A 105 -15.56 -15.18 17.06
CA ALA A 105 -14.31 -15.93 17.14
C ALA A 105 -13.08 -15.02 17.29
N ALA A 106 -13.30 -13.74 17.61
CA ALA A 106 -12.17 -12.81 17.73
C ALA A 106 -11.08 -13.24 18.70
N PRO A 107 -11.35 -13.82 19.87
CA PRO A 107 -10.24 -14.23 20.75
C PRO A 107 -9.31 -15.25 20.10
N TRP A 108 -9.85 -16.26 19.41
CA TRP A 108 -8.99 -17.23 18.75
C TRP A 108 -8.28 -16.64 17.54
N ILE A 109 -8.92 -15.68 16.87
CA ILE A 109 -8.28 -14.99 15.75
C ILE A 109 -7.03 -14.26 16.24
N ILE A 110 -7.18 -13.46 17.30
CA ILE A 110 -6.02 -12.79 17.89
C ILE A 110 -5.03 -13.81 18.42
N TYR A 111 -5.52 -14.94 18.96
CA TYR A 111 -4.63 -15.96 19.49
C TYR A 111 -3.70 -16.51 18.43
N ILE A 112 -4.22 -16.79 17.24
CA ILE A 112 -3.37 -17.37 16.20
C ILE A 112 -2.62 -16.31 15.39
N THR A 113 -3.14 -15.08 15.30
CA THR A 113 -2.42 -14.06 14.55
C THR A 113 -1.36 -13.37 15.41
N ALA A 114 -1.58 -13.24 16.71
CA ALA A 114 -0.63 -12.58 17.61
C ALA A 114 -0.49 -13.42 18.88
N PRO A 115 0.15 -14.59 18.78
CA PRO A 115 0.28 -15.45 19.99
C PRO A 115 1.13 -14.82 21.08
N GLY A 116 2.18 -14.07 20.71
CA GLY A 116 3.02 -13.44 21.70
C GLY A 116 2.30 -12.46 22.60
N PHE A 117 1.10 -12.01 22.20
CA PHE A 117 0.30 -11.12 23.03
C PHE A 117 -0.35 -11.84 24.21
N THR A 118 -0.29 -13.17 24.26
CA THR A 118 -0.99 -13.90 25.32
C THR A 118 -0.30 -13.76 26.68
N ASP A 119 0.99 -13.43 26.73
CA ASP A 119 1.64 -13.24 28.01
C ASP A 119 1.25 -11.94 28.68
N THR A 120 0.56 -11.05 27.98
CA THR A 120 0.06 -9.79 28.51
C THR A 120 -1.46 -9.81 28.35
N PRO A 121 -2.20 -10.25 29.36
CA PRO A 121 -3.66 -10.44 29.20
C PRO A 121 -4.41 -9.16 28.85
N ASP A 122 -4.03 -8.02 29.44
CA ASP A 122 -4.74 -6.77 29.15
C ASP A 122 -4.55 -6.34 27.71
N LYS A 123 -3.33 -6.46 27.20
CA LYS A 123 -3.06 -6.15 25.80
C LYS A 123 -3.86 -7.07 24.88
N PHE A 124 -3.95 -8.35 25.22
CA PHE A 124 -4.71 -9.31 24.43
C PHE A 124 -6.19 -8.94 24.41
N ASP A 125 -6.75 -8.60 25.58
CA ASP A 125 -8.16 -8.22 25.64
C ASP A 125 -8.43 -6.94 24.85
N LEU A 126 -7.51 -5.97 24.92
CA LEU A 126 -7.66 -4.75 24.15
C LEU A 126 -7.63 -5.05 22.64
N THR A 127 -6.74 -5.94 22.22
CA THR A 127 -6.67 -6.31 20.81
C THR A 127 -7.97 -6.98 20.35
N VAL A 128 -8.50 -7.90 21.16
CA VAL A 128 -9.75 -8.57 20.80
C VAL A 128 -10.89 -7.57 20.71
N ARG A 129 -10.95 -6.62 21.64
CA ARG A 129 -12.00 -5.59 21.62
C ARG A 129 -11.88 -4.72 20.37
N LEU A 130 -10.66 -4.30 20.03
CA LEU A 130 -10.47 -3.49 18.84
C LEU A 130 -10.80 -4.26 17.57
N LEU A 131 -10.51 -5.56 17.53
CA LEU A 131 -10.88 -6.36 16.37
C LEU A 131 -12.40 -6.50 16.25
N ARG A 132 -13.08 -6.63 17.39
CA ARG A 132 -14.55 -6.66 17.36
C ARG A 132 -15.12 -5.36 16.84
N ILE A 133 -14.48 -4.23 17.14
CA ILE A 133 -14.91 -2.98 16.52
C ILE A 133 -14.50 -2.93 15.06
N THR A 134 -13.39 -3.57 14.70
CA THR A 134 -12.87 -3.49 13.33
C THR A 134 -13.76 -4.21 12.33
N PHE A 135 -14.36 -5.34 12.75
CA PHE A 135 -15.05 -6.19 11.80
C PHE A 135 -16.17 -5.50 11.01
N PRO A 136 -17.03 -4.64 11.58
CA PRO A 136 -18.03 -3.96 10.75
C PRO A 136 -17.43 -2.99 9.75
N TYR A 137 -16.26 -2.42 10.07
CA TYR A 137 -15.60 -1.54 9.13
C TYR A 137 -15.28 -2.25 7.83
N ILE A 138 -15.03 -3.57 7.88
CA ILE A 138 -14.72 -4.30 6.65
C ILE A 138 -15.90 -4.24 5.69
N LEU A 139 -17.10 -4.51 6.19
CA LEU A 139 -18.30 -4.42 5.35
C LEU A 139 -18.50 -3.00 4.84
N LEU A 140 -18.35 -2.00 5.72
CA LEU A 140 -18.56 -0.62 5.31
C LEU A 140 -17.59 -0.23 4.20
N ILE A 141 -16.29 -0.47 4.41
CA ILE A 141 -15.28 -0.05 3.45
C ILE A 141 -15.34 -0.89 2.19
N SER A 142 -15.86 -2.12 2.26
CA SER A 142 -16.04 -2.90 1.03
C SER A 142 -17.15 -2.31 0.17
N LEU A 143 -18.26 -1.90 0.78
CA LEU A 143 -19.31 -1.24 0.01
C LEU A 143 -18.79 0.08 -0.57
N ALA A 144 -18.00 0.82 0.21
CA ALA A 144 -17.41 2.05 -0.30
C ALA A 144 -16.46 1.78 -1.46
N SER A 145 -15.69 0.70 -1.39
CA SER A 145 -14.80 0.34 -2.49
C SER A 145 -15.60 -0.02 -3.73
N LEU A 146 -16.73 -0.73 -3.55
CA LEU A 146 -17.58 -1.07 -4.69
C LEU A 146 -18.11 0.19 -5.36
N ALA A 147 -18.56 1.16 -4.55
CA ALA A 147 -18.99 2.44 -5.10
C ALA A 147 -17.86 3.09 -5.90
N GLY A 148 -16.65 3.11 -5.33
CA GLY A 148 -15.52 3.70 -6.03
C GLY A 148 -15.22 3.00 -7.35
N ALA A 149 -15.32 1.68 -7.37
CA ALA A 149 -15.07 0.94 -8.61
C ALA A 149 -16.10 1.28 -9.67
N ILE A 150 -17.37 1.34 -9.29
CA ILE A 150 -18.43 1.72 -10.23
C ILE A 150 -18.16 3.12 -10.78
N LEU A 151 -17.76 4.06 -9.91
CA LEU A 151 -17.50 5.42 -10.36
C LEU A 151 -16.30 5.48 -11.29
N ASN A 152 -15.26 4.68 -11.01
CA ASN A 152 -14.12 4.62 -11.92
C ASN A 152 -14.51 4.06 -13.28
N THR A 153 -15.44 3.10 -13.30
CA THR A 153 -15.91 2.57 -14.58
C THR A 153 -16.59 3.66 -15.42
N TRP A 154 -17.22 4.63 -14.76
CA TRP A 154 -17.81 5.78 -15.44
C TRP A 154 -16.84 6.96 -15.55
N ASN A 155 -15.54 6.69 -15.48
CA ASN A 155 -14.49 7.70 -15.72
C ASN A 155 -14.52 8.82 -14.68
N ARG A 156 -14.93 8.50 -13.45
CA ARG A 156 -14.94 9.46 -12.35
C ARG A 156 -13.91 8.99 -11.32
N PHE A 157 -12.73 9.62 -11.34
CA PHE A 157 -11.61 9.19 -10.50
C PHE A 157 -11.31 10.13 -9.35
N SER A 158 -11.77 11.40 -9.42
CA SER A 158 -11.43 12.36 -8.37
C SER A 158 -12.15 12.05 -7.06
N VAL A 159 -13.41 11.64 -7.13
CA VAL A 159 -14.23 11.42 -5.94
C VAL A 159 -13.71 10.21 -5.16
N PRO A 160 -13.49 9.04 -5.77
CA PRO A 160 -12.94 7.92 -5.00
C PRO A 160 -11.52 8.17 -4.51
N ALA A 161 -10.73 8.93 -5.26
CA ALA A 161 -9.38 9.28 -4.81
C ALA A 161 -9.40 10.26 -3.65
N PHE A 162 -10.47 11.05 -3.51
CA PHE A 162 -10.60 11.96 -2.38
C PHE A 162 -11.28 11.32 -1.17
N ALA A 163 -12.04 10.25 -1.38
CA ALA A 163 -12.84 9.63 -0.31
C ALA A 163 -12.07 9.34 0.98
N PRO A 164 -10.87 8.74 0.98
CA PRO A 164 -10.20 8.41 2.26
C PRO A 164 -9.85 9.62 3.13
N THR A 165 -9.90 10.84 2.57
CA THR A 165 -9.71 12.04 3.37
C THR A 165 -10.66 12.06 4.55
N LEU A 166 -11.90 11.62 4.34
CA LEU A 166 -12.89 11.63 5.40
C LEU A 166 -12.56 10.63 6.50
N LEU A 167 -12.04 9.45 6.13
CA LEU A 167 -11.57 8.51 7.14
C LEU A 167 -10.47 9.11 7.98
N ASN A 168 -9.49 9.76 7.34
CA ASN A 168 -8.40 10.36 8.08
C ASN A 168 -8.89 11.46 9.01
N ILE A 169 -9.80 12.31 8.53
CA ILE A 169 -10.33 13.40 9.34
C ILE A 169 -11.11 12.85 10.54
N SER A 170 -11.90 11.79 10.32
CA SER A 170 -12.68 11.22 11.39
C SER A 170 -11.78 10.60 12.46
N MET A 171 -10.70 9.94 12.04
CA MET A 171 -9.77 9.39 13.01
C MET A 171 -9.10 10.49 13.82
N ILE A 172 -8.69 11.58 13.15
CA ILE A 172 -8.04 12.68 13.86
C ILE A 172 -9.00 13.29 14.88
N ILE A 173 -10.26 13.49 14.49
CA ILE A 173 -11.23 14.08 15.40
C ILE A 173 -11.51 13.13 16.56
N SER A 174 -11.57 11.82 16.30
CA SER A 174 -11.80 10.87 17.38
C SER A 174 -10.67 10.90 18.40
N VAL A 175 -9.43 11.06 17.92
CA VAL A 175 -8.31 11.13 18.85
C VAL A 175 -8.37 12.43 19.65
N LEU A 176 -8.66 13.55 18.99
CA LEU A 176 -8.59 14.85 19.67
C LEU A 176 -9.72 15.05 20.65
N LEU A 177 -10.91 14.50 20.38
CA LEU A 177 -12.09 14.81 21.19
C LEU A 177 -12.62 13.64 21.99
N LEU A 178 -12.45 12.40 21.52
CA LEU A 178 -13.08 11.25 22.16
C LEU A 178 -12.11 10.43 23.01
N ALA A 179 -10.81 10.51 22.72
CA ALA A 179 -9.85 9.70 23.47
C ALA A 179 -9.83 10.00 24.97
N PRO A 180 -9.93 11.25 25.44
CA PRO A 180 -9.96 11.47 26.90
C PRO A 180 -11.14 10.82 27.59
N TYR A 181 -12.22 10.52 26.88
CA TYR A 181 -13.43 9.97 27.50
C TYR A 181 -13.54 8.46 27.35
N CYS A 182 -12.59 7.81 26.69
CA CYS A 182 -12.61 6.36 26.52
C CYS A 182 -11.69 5.70 27.54
N GLU A 183 -12.16 4.59 28.09
CA GLU A 183 -11.47 4.01 29.24
C GLU A 183 -10.09 3.47 28.88
N PRO A 184 -9.93 2.64 27.86
CA PRO A 184 -8.66 2.62 27.13
C PRO A 184 -8.71 3.67 26.03
N PRO A 185 -7.91 4.72 26.11
CA PRO A 185 -8.07 5.86 25.18
C PRO A 185 -8.06 5.48 23.71
N ILE A 186 -7.19 4.55 23.30
CA ILE A 186 -7.08 4.20 21.89
C ILE A 186 -8.37 3.60 21.35
N ILE A 187 -9.26 3.14 22.23
CA ILE A 187 -10.57 2.66 21.79
C ILE A 187 -11.26 3.72 20.93
N ALA A 188 -11.12 4.99 21.31
CA ALA A 188 -11.72 6.06 20.50
C ALA A 188 -11.27 5.97 19.05
N LEU A 189 -9.97 5.77 18.84
CA LEU A 189 -9.45 5.62 17.48
C LEU A 189 -10.22 4.55 16.70
N GLY A 190 -10.47 3.41 17.35
CA GLY A 190 -11.25 2.37 16.68
C GLY A 190 -12.57 2.89 16.17
N TRP A 191 -13.32 3.59 17.03
CA TRP A 191 -14.60 4.14 16.60
C TRP A 191 -14.39 5.19 15.51
N GLY A 192 -13.30 5.96 15.60
CA GLY A 192 -12.99 6.89 14.54
C GLY A 192 -12.83 6.22 13.20
N VAL A 193 -12.32 4.99 13.19
CA VAL A 193 -12.26 4.22 11.96
C VAL A 193 -13.67 3.86 11.50
N PHE A 194 -14.49 3.39 12.44
CA PHE A 194 -15.85 2.96 12.13
C PHE A 194 -16.62 4.07 11.44
N ALA A 195 -16.79 5.20 12.14
CA ALA A 195 -17.43 6.36 11.55
C ALA A 195 -16.80 6.73 10.20
N GLY A 196 -15.48 6.63 10.12
CA GLY A 196 -14.81 6.94 8.87
C GLY A 196 -15.38 6.15 7.71
N GLY A 197 -15.50 4.83 7.89
CA GLY A 197 -16.12 4.01 6.86
C GLY A 197 -17.46 4.57 6.43
N ILE A 198 -18.32 4.87 7.40
CA ILE A 198 -19.64 5.41 7.09
C ILE A 198 -19.49 6.63 6.20
N LEU A 199 -18.62 7.56 6.60
CA LEU A 199 -18.44 8.78 5.83
C LEU A 199 -18.00 8.45 4.41
N GLN A 200 -17.01 7.55 4.29
CA GLN A 200 -16.50 7.22 2.96
C GLN A 200 -17.59 6.66 2.07
N LEU A 201 -18.59 6.02 2.66
CA LEU A 201 -19.71 5.54 1.86
C LEU A 201 -20.61 6.71 1.46
N LEU A 202 -21.03 7.51 2.44
CA LEU A 202 -22.04 8.51 2.17
C LEU A 202 -21.51 9.62 1.27
N TYR A 203 -20.20 9.82 1.24
CA TYR A 203 -19.62 10.82 0.35
C TYR A 203 -19.78 10.40 -1.12
N GLN A 204 -19.79 9.10 -1.40
CA GLN A 204 -19.84 8.63 -2.79
C GLN A 204 -21.23 8.28 -3.28
N LEU A 205 -22.22 8.23 -2.39
CA LEU A 205 -23.56 7.82 -2.81
C LEU A 205 -24.21 8.81 -3.78
N PRO A 206 -24.17 10.13 -3.55
CA PRO A 206 -24.80 11.04 -4.53
C PRO A 206 -24.22 10.94 -5.92
N TYR A 207 -22.89 10.80 -6.04
CA TYR A 207 -22.28 10.65 -7.36
C TYR A 207 -22.77 9.38 -8.04
N LEU A 208 -22.87 8.28 -7.29
CA LEU A 208 -23.49 7.08 -7.82
C LEU A 208 -24.89 7.38 -8.35
N GLN A 209 -25.66 8.19 -7.61
CA GLN A 209 -26.99 8.54 -8.08
C GLN A 209 -26.93 9.45 -9.30
N LYS A 210 -25.87 10.26 -9.40
CA LYS A 210 -25.74 11.16 -10.55
C LYS A 210 -25.63 10.39 -11.85
N ILE A 211 -24.95 9.23 -11.83
CA ILE A 211 -24.79 8.42 -13.03
C ILE A 211 -25.88 7.35 -13.14
N GLY A 212 -26.87 7.36 -12.25
CA GLY A 212 -27.96 6.41 -12.34
C GLY A 212 -27.63 5.01 -11.88
N MET A 213 -26.60 4.85 -11.03
CA MET A 213 -26.16 3.52 -10.61
C MET A 213 -26.29 3.31 -9.10
N LEU A 214 -27.14 4.08 -8.43
CA LEU A 214 -27.41 3.88 -7.01
C LEU A 214 -28.65 3.00 -6.88
N VAL A 215 -28.48 1.80 -6.32
CA VAL A 215 -29.56 0.81 -6.29
C VAL A 215 -29.56 0.12 -4.94
N LEU A 216 -30.75 -0.31 -4.52
CA LEU A 216 -30.86 -1.07 -3.29
C LEU A 216 -30.32 -2.49 -3.49
N PRO A 217 -29.55 -3.00 -2.55
CA PRO A 217 -29.00 -4.36 -2.70
C PRO A 217 -30.11 -5.41 -2.68
N ARG A 218 -29.86 -6.49 -3.41
CA ARG A 218 -30.80 -7.61 -3.46
C ARG A 218 -30.00 -8.90 -3.62
N ILE A 219 -30.67 -10.02 -3.33
CA ILE A 219 -30.03 -11.32 -3.33
C ILE A 219 -30.60 -12.15 -4.48
N SER A 220 -29.70 -12.75 -5.26
CA SER A 220 -30.10 -13.60 -6.37
C SER A 220 -28.99 -14.59 -6.65
N PHE A 221 -29.33 -15.88 -6.66
CA PHE A 221 -28.39 -16.94 -6.98
C PHE A 221 -28.57 -17.47 -8.39
N ARG A 222 -29.09 -16.63 -9.30
CA ARG A 222 -29.33 -17.06 -10.67
C ARG A 222 -28.97 -15.96 -11.68
N ASN A 223 -28.20 -14.96 -11.24
CA ASN A 223 -27.81 -13.82 -12.12
C ASN A 223 -26.60 -14.22 -12.96
N SER A 224 -26.68 -13.97 -14.28
CA SER A 224 -25.58 -14.36 -15.20
C SER A 224 -24.31 -13.60 -14.87
N GLY A 225 -24.43 -12.31 -14.58
CA GLY A 225 -23.26 -11.48 -14.27
C GLY A 225 -22.56 -11.90 -12.99
N VAL A 226 -23.32 -12.21 -11.95
CA VAL A 226 -22.73 -12.64 -10.66
C VAL A 226 -21.93 -13.93 -10.90
N TRP A 227 -22.46 -14.86 -11.70
CA TRP A 227 -21.72 -16.08 -11.99
C TRP A 227 -20.50 -15.80 -12.85
N ARG A 228 -20.60 -14.84 -13.80
CA ARG A 228 -19.41 -14.47 -14.56
C ARG A 228 -18.30 -13.94 -13.65
N VAL A 229 -18.66 -13.08 -12.70
CA VAL A 229 -17.67 -12.53 -11.77
C VAL A 229 -17.09 -13.61 -10.88
N LEU A 230 -17.91 -14.56 -10.44
CA LEU A 230 -17.40 -15.65 -9.62
C LEU A 230 -16.43 -16.53 -10.41
N LYS A 231 -16.76 -16.81 -11.68
CA LYS A 231 -15.86 -17.61 -12.51
C LYS A 231 -14.54 -16.89 -12.74
N LEU A 232 -14.57 -15.57 -12.90
CA LEU A 232 -13.32 -14.84 -13.06
C LEU A 232 -12.57 -14.70 -11.74
N MET A 233 -13.27 -14.76 -10.61
CA MET A 233 -12.60 -14.68 -9.30
C MET A 233 -11.91 -15.98 -8.95
N GLY A 234 -12.45 -17.11 -9.40
CA GLY A 234 -11.91 -18.42 -9.12
C GLY A 234 -10.40 -18.57 -9.14
N PRO A 235 -9.77 -18.34 -10.29
CA PRO A 235 -8.33 -18.64 -10.43
C PRO A 235 -7.39 -17.69 -9.68
N ALA A 236 -7.88 -16.69 -8.96
CA ALA A 236 -7.02 -15.77 -8.22
C ALA A 236 -6.96 -16.06 -6.73
N ILE A 237 -7.77 -17.01 -6.25
CA ILE A 237 -7.85 -17.27 -4.82
C ILE A 237 -6.53 -17.78 -4.27
N ILE A 238 -5.84 -18.63 -5.02
CA ILE A 238 -4.56 -19.18 -4.57
C ILE A 238 -3.54 -18.06 -4.38
N GLY A 239 -3.41 -17.20 -5.39
CA GLY A 239 -2.47 -16.09 -5.29
C GLY A 239 -2.80 -15.16 -4.14
N VAL A 240 -4.09 -14.90 -3.90
CA VAL A 240 -4.47 -14.07 -2.76
C VAL A 240 -4.09 -14.74 -1.45
N SER A 241 -4.39 -16.05 -1.35
CA SER A 241 -4.17 -16.76 -0.09
C SER A 241 -2.70 -16.81 0.27
N VAL A 242 -1.82 -16.92 -0.74
CA VAL A 242 -0.39 -17.02 -0.45
C VAL A 242 0.10 -15.76 0.26
N SER A 243 -0.22 -14.58 -0.30
CA SER A 243 0.20 -13.33 0.31
C SER A 243 -0.48 -13.12 1.67
N GLN A 244 -1.75 -13.54 1.79
CA GLN A 244 -2.42 -13.43 3.09
C GLN A 244 -1.70 -14.24 4.15
N ILE A 245 -1.36 -15.50 3.83
CA ILE A 245 -0.66 -16.36 4.79
C ILE A 245 0.71 -15.78 5.13
N SER A 246 1.39 -15.20 4.14
CA SER A 246 2.70 -14.61 4.41
C SER A 246 2.59 -13.47 5.41
N LEU A 247 1.62 -12.58 5.20
CA LEU A 247 1.43 -11.48 6.15
C LEU A 247 1.06 -11.98 7.53
N ILE A 248 0.22 -13.03 7.59
CA ILE A 248 -0.20 -13.55 8.89
C ILE A 248 0.99 -14.13 9.65
N ILE A 249 1.88 -14.86 8.96
CA ILE A 249 3.02 -15.44 9.65
C ILE A 249 4.02 -14.36 10.06
N ASN A 250 4.15 -13.30 9.24
CA ASN A 250 4.99 -12.17 9.67
C ASN A 250 4.45 -11.55 10.95
N THR A 251 3.12 -11.38 11.05
CA THR A 251 2.55 -10.86 12.28
C THR A 251 2.80 -11.80 13.45
N ILE A 252 2.67 -13.11 13.24
CA ILE A 252 2.95 -14.08 14.29
C ILE A 252 4.36 -13.90 14.82
N PHE A 253 5.33 -13.78 13.91
CA PHE A 253 6.71 -13.55 14.34
C PHE A 253 6.83 -12.24 15.13
N ALA A 254 6.18 -11.18 14.66
CA ALA A 254 6.29 -9.89 15.35
C ALA A 254 5.68 -9.93 16.75
N SER A 255 4.67 -10.77 16.96
CA SER A 255 3.94 -10.75 18.22
C SER A 255 4.79 -11.16 19.41
N PHE A 256 5.91 -11.85 19.20
CA PHE A 256 6.76 -12.29 20.29
C PHE A 256 7.81 -11.26 20.69
N LEU A 257 8.01 -10.21 19.91
CA LEU A 257 9.01 -9.19 20.21
C LEU A 257 8.51 -8.27 21.33
N GLN A 258 9.39 -7.38 21.78
CA GLN A 258 9.07 -6.49 22.88
C GLN A 258 7.96 -5.53 22.48
N SER A 259 7.33 -4.93 23.49
CA SER A 259 6.23 -4.00 23.28
C SER A 259 6.67 -2.82 22.43
N GLY A 260 5.95 -2.59 21.34
CA GLY A 260 6.23 -1.49 20.43
C GLY A 260 6.83 -1.89 19.09
N SER A 261 7.24 -3.16 18.92
CA SER A 261 7.90 -3.57 17.69
C SER A 261 6.96 -3.42 16.48
N VAL A 262 5.72 -3.89 16.62
CA VAL A 262 4.75 -3.77 15.54
C VAL A 262 4.53 -2.31 15.16
N SER A 263 4.46 -1.43 16.16
CA SER A 263 4.23 -0.02 15.90
C SER A 263 5.43 0.64 15.22
N TRP A 264 6.65 0.30 15.67
CA TRP A 264 7.84 0.81 15.00
C TRP A 264 7.87 0.39 13.54
N MET A 265 7.55 -0.88 13.27
CA MET A 265 7.50 -1.34 11.87
C MET A 265 6.43 -0.59 11.09
N TYR A 266 5.27 -0.35 11.70
CA TYR A 266 4.21 0.40 11.02
C TYR A 266 4.66 1.80 10.64
N TYR A 267 5.23 2.54 11.60
CA TYR A 267 5.67 3.90 11.32
C TYR A 267 6.77 3.93 10.26
N ALA A 268 7.68 2.95 10.31
CA ALA A 268 8.73 2.86 9.30
C ALA A 268 8.15 2.64 7.91
N ASP A 269 7.21 1.70 7.77
N ASP A 269 7.22 1.69 7.79
CA ASP A 269 6.67 1.43 6.45
CA ASP A 269 6.62 1.39 6.49
C ASP A 269 5.82 2.59 5.94
C ASP A 269 5.84 2.59 5.95
N ARG A 270 5.17 3.33 6.83
CA ARG A 270 4.46 4.55 6.43
C ARG A 270 5.43 5.59 5.88
N LEU A 271 6.54 5.80 6.60
CA LEU A 271 7.56 6.72 6.12
C LEU A 271 8.09 6.29 4.76
N MET A 272 8.29 4.99 4.56
CA MET A 272 8.75 4.52 3.26
C MET A 272 7.71 4.77 2.18
N GLU A 273 6.44 4.62 2.52
CA GLU A 273 5.37 4.83 1.54
C GLU A 273 5.18 6.31 1.19
N LEU A 274 5.62 7.22 2.06
CA LEU A 274 5.35 8.65 1.87
C LEU A 274 5.72 9.20 0.49
N PRO A 275 6.93 8.97 -0.06
CA PRO A 275 7.25 9.56 -1.36
C PRO A 275 6.89 8.70 -2.56
N THR A 276 6.74 7.38 -2.36
CA THR A 276 6.59 6.44 -3.46
C THR A 276 5.25 5.72 -3.47
N GLY A 277 4.25 6.24 -2.74
CA GLY A 277 2.93 5.61 -2.73
C GLY A 277 2.23 5.65 -4.07
N VAL A 278 2.58 6.60 -4.92
CA VAL A 278 1.96 6.71 -6.23
C VAL A 278 2.41 5.56 -7.14
N LEU A 279 3.72 5.50 -7.40
CA LEU A 279 4.28 4.62 -8.41
C LEU A 279 3.77 3.19 -8.25
N GLY A 280 3.95 2.62 -7.06
CA GLY A 280 3.65 1.21 -6.78
C GLY A 280 2.40 0.67 -7.43
N VAL A 281 1.25 1.25 -7.10
CA VAL A 281 0.00 0.75 -7.65
C VAL A 281 -0.36 1.42 -8.97
N ALA A 282 0.02 2.70 -9.16
CA ALA A 282 -0.39 3.39 -10.37
C ALA A 282 0.22 2.71 -11.60
N LEU A 283 1.54 2.48 -11.58
CA LEU A 283 2.21 1.86 -12.71
C LEU A 283 1.59 0.52 -13.05
N GLY A 284 1.31 -0.31 -12.04
CA GLY A 284 0.73 -1.61 -12.31
C GLY A 284 -0.64 -1.53 -12.95
N THR A 285 -1.55 -0.76 -12.33
CA THR A 285 -2.92 -0.71 -12.85
C THR A 285 -2.97 -0.08 -14.24
N ILE A 286 -2.04 0.81 -14.58
CA ILE A 286 -2.11 1.42 -15.91
C ILE A 286 -1.25 0.69 -16.94
N LEU A 287 -0.32 -0.16 -16.50
CA LEU A 287 0.47 -0.93 -17.44
C LEU A 287 -0.18 -2.24 -17.82
N LEU A 288 -0.98 -2.82 -16.92
CA LEU A 288 -1.64 -4.09 -17.26
C LEU A 288 -2.53 -3.99 -18.49
N PRO A 289 -3.43 -3.00 -18.62
CA PRO A 289 -4.26 -2.96 -19.84
C PRO A 289 -3.46 -2.63 -21.09
N SER A 290 -2.45 -1.77 -20.98
CA SER A 290 -1.65 -1.43 -22.15
C SER A 290 -0.90 -2.65 -22.68
N LEU A 291 -0.29 -3.41 -21.78
CA LEU A 291 0.41 -4.63 -22.20
C LEU A 291 -0.55 -5.69 -22.68
N ALA A 292 -1.76 -5.76 -22.09
CA ALA A 292 -2.77 -6.68 -22.60
C ALA A 292 -3.15 -6.35 -24.03
N LYS A 293 -3.37 -5.06 -24.32
CA LYS A 293 -3.70 -4.65 -25.68
C LYS A 293 -2.55 -4.90 -26.63
N SER A 294 -1.32 -4.63 -26.19
CA SER A 294 -0.13 -4.93 -27.00
C SER A 294 -0.06 -6.40 -27.37
N PHE A 295 -0.24 -7.27 -26.39
CA PHE A 295 -0.17 -8.71 -26.64
C PHE A 295 -1.31 -9.17 -27.55
N SER A 296 -2.49 -8.58 -27.41
CA SER A 296 -3.62 -9.01 -28.24
C SER A 296 -3.48 -8.53 -29.68
N THR A 297 -2.93 -7.33 -29.90
CA THR A 297 -2.81 -6.79 -31.25
C THR A 297 -1.60 -7.35 -31.99
N GLY A 298 -0.66 -7.97 -31.28
CA GLY A 298 0.54 -8.49 -31.90
C GLY A 298 1.70 -7.53 -31.99
N ASP A 299 1.56 -6.33 -31.43
CA ASP A 299 2.63 -5.33 -31.46
C ASP A 299 3.61 -5.62 -30.33
N HIS A 300 4.56 -6.52 -30.61
CA HIS A 300 5.52 -6.92 -29.58
C HIS A 300 6.51 -5.79 -29.28
N LYS A 301 6.80 -4.94 -30.26
CA LYS A 301 7.69 -3.81 -30.02
C LYS A 301 7.13 -2.88 -28.96
N GLU A 302 5.83 -2.59 -29.03
CA GLU A 302 5.21 -1.71 -28.03
C GLU A 302 5.17 -2.37 -26.67
N TYR A 303 4.95 -3.69 -26.62
CA TYR A 303 5.00 -4.43 -25.37
C TYR A 303 6.38 -4.30 -24.72
N GLN A 304 7.43 -4.60 -25.49
CA GLN A 304 8.80 -4.48 -24.98
C GLN A 304 9.10 -3.06 -24.53
N ARG A 305 8.67 -2.06 -25.31
CA ARG A 305 8.97 -0.67 -24.96
C ARG A 305 8.26 -0.24 -23.69
N LEU A 306 7.00 -0.65 -23.52
CA LEU A 306 6.27 -0.34 -22.29
C LEU A 306 6.94 -0.97 -21.08
N MET A 307 7.32 -2.24 -21.20
CA MET A 307 7.98 -2.91 -20.08
C MET A 307 9.31 -2.24 -19.74
N ASP A 308 10.11 -1.95 -20.75
CA ASP A 308 11.40 -1.30 -20.53
C ASP A 308 11.22 0.08 -19.91
N TRP A 309 10.20 0.83 -20.35
CA TRP A 309 9.94 2.15 -19.79
C TRP A 309 9.55 2.05 -18.32
N GLY A 310 8.68 1.10 -17.98
CA GLY A 310 8.34 0.90 -16.59
C GLY A 310 9.54 0.57 -15.73
N LEU A 311 10.42 -0.31 -16.23
CA LEU A 311 11.62 -0.66 -15.47
C LEU A 311 12.56 0.54 -15.31
N ARG A 312 12.75 1.31 -16.37
CA ARG A 312 13.63 2.47 -16.30
C ARG A 312 13.06 3.54 -15.35
N LEU A 313 11.73 3.71 -15.33
CA LEU A 313 11.13 4.66 -14.38
C LEU A 313 11.28 4.17 -12.95
N CYS A 314 11.15 2.85 -12.73
CA CYS A 314 11.46 2.29 -11.43
C CYS A 314 12.87 2.70 -11.00
N PHE A 315 13.86 2.43 -11.85
CA PHE A 315 15.24 2.76 -11.51
C PHE A 315 15.41 4.26 -11.28
N LEU A 316 14.70 5.08 -12.06
CA LEU A 316 14.92 6.52 -12.01
C LEU A 316 14.28 7.17 -10.80
N LEU A 317 13.19 6.61 -10.27
CA LEU A 317 12.47 7.28 -9.20
C LEU A 317 12.47 6.55 -7.86
N ALA A 318 12.49 5.21 -7.84
CA ALA A 318 12.45 4.52 -6.57
C ALA A 318 13.83 4.43 -5.92
N LEU A 319 14.89 4.29 -6.73
CA LEU A 319 16.24 4.20 -6.19
C LEU A 319 16.65 5.44 -5.40
N PRO A 320 16.54 6.67 -5.92
CA PRO A 320 16.92 7.84 -5.11
C PRO A 320 16.07 7.98 -3.87
N CYS A 321 14.78 7.62 -3.94
CA CYS A 321 13.91 7.71 -2.77
C CYS A 321 14.37 6.76 -1.67
N ALA A 322 14.72 5.53 -2.04
CA ALA A 322 15.20 4.58 -1.04
C ALA A 322 16.50 5.06 -0.40
N ILE A 323 17.43 5.56 -1.23
CA ILE A 323 18.70 6.03 -0.70
C ILE A 323 18.49 7.23 0.23
N ALA A 324 17.64 8.17 -0.18
CA ALA A 324 17.44 9.38 0.61
C ALA A 324 16.68 9.08 1.90
N LEU A 325 15.72 8.16 1.84
CA LEU A 325 15.02 7.74 3.05
C LEU A 325 15.97 7.08 4.04
N ALA A 326 16.87 6.23 3.54
CA ALA A 326 17.87 5.63 4.43
C ALA A 326 18.75 6.71 5.03
N ILE A 327 19.15 7.72 4.24
CA ILE A 327 20.05 8.75 4.75
C ILE A 327 19.33 9.66 5.74
N LEU A 328 18.06 9.99 5.46
CA LEU A 328 17.32 10.97 6.26
C LEU A 328 16.43 10.30 7.32
N ALA A 329 16.78 9.09 7.76
CA ALA A 329 15.90 8.35 8.67
C ALA A 329 15.68 9.12 9.97
N GLU A 330 16.76 9.63 10.58
CA GLU A 330 16.60 10.40 11.81
C GLU A 330 15.88 11.71 11.59
N PRO A 331 16.24 12.56 10.61
CA PRO A 331 15.44 13.78 10.37
C PRO A 331 13.96 13.49 10.18
N LEU A 332 13.63 12.49 9.36
CA LEU A 332 12.23 12.16 9.12
C LEU A 332 11.52 11.75 10.40
N THR A 333 12.08 10.78 11.13
CA THR A 333 11.40 10.27 12.32
C THR A 333 11.27 11.35 13.39
N VAL A 334 12.30 12.18 13.58
CA VAL A 334 12.28 13.15 14.66
C VAL A 334 11.36 14.33 14.31
N SER A 335 11.42 14.83 13.07
CA SER A 335 10.60 15.96 12.66
C SER A 335 9.14 15.60 12.47
N LEU A 336 8.83 14.34 12.13
CA LEU A 336 7.45 14.00 11.87
C LEU A 336 6.76 13.30 13.03
N PHE A 337 7.48 12.50 13.81
CA PHE A 337 6.83 11.67 14.82
C PHE A 337 7.20 12.01 16.26
N GLN A 338 8.44 12.41 16.54
CA GLN A 338 8.93 12.49 17.93
C GLN A 338 8.32 13.70 18.63
N TYR A 339 7.06 13.54 19.05
CA TYR A 339 6.36 14.53 19.84
C TYR A 339 5.44 13.80 20.81
N GLY A 340 5.16 14.45 21.93
CA GLY A 340 4.30 13.86 22.94
C GLY A 340 4.86 12.53 23.44
N ASN A 341 4.09 11.47 23.28
CA ASN A 341 4.45 10.16 23.80
C ASN A 341 5.38 9.38 22.88
N PHE A 342 5.72 9.90 21.71
CA PHE A 342 6.68 9.26 20.81
C PHE A 342 8.07 9.76 21.20
N THR A 343 8.83 8.92 21.88
CA THR A 343 10.11 9.33 22.45
C THR A 343 11.26 9.10 21.46
N ALA A 344 12.47 9.49 21.88
CA ALA A 344 13.64 9.30 21.04
C ALA A 344 13.97 7.82 20.85
N TYR A 345 13.64 6.98 21.84
CA TYR A 345 13.81 5.54 21.71
C TYR A 345 12.94 4.98 20.59
N ASP A 346 11.66 5.38 20.57
CA ASP A 346 10.77 5.01 19.47
C ASP A 346 11.32 5.48 18.12
N ALA A 347 11.91 6.68 18.10
CA ALA A 347 12.48 7.21 16.87
C ALA A 347 13.63 6.35 16.38
N VAL A 348 14.54 5.96 17.28
CA VAL A 348 15.68 5.13 16.90
C VAL A 348 15.21 3.77 16.37
N MET A 349 14.22 3.17 17.05
CA MET A 349 13.75 1.85 16.60
C MET A 349 13.05 1.93 15.25
N THR A 350 12.24 2.98 15.05
CA THR A 350 11.62 3.21 13.75
C THR A 350 12.68 3.43 12.67
N GLN A 351 13.78 4.11 13.02
CA GLN A 351 14.85 4.32 12.05
C GLN A 351 15.49 2.99 11.64
N ARG A 352 15.74 2.11 12.61
CA ARG A 352 16.27 0.79 12.27
C ARG A 352 15.34 0.06 11.29
N ALA A 353 14.05 0.04 11.60
CA ALA A 353 13.11 -0.66 10.72
C ALA A 353 13.04 0.00 9.33
N LEU A 354 13.08 1.33 9.28
CA LEU A 354 12.97 2.03 7.99
C LEU A 354 14.19 1.77 7.11
N ILE A 355 15.38 1.79 7.71
CA ILE A 355 16.59 1.45 6.96
C ILE A 355 16.50 0.02 6.45
N ALA A 356 15.89 -0.89 7.23
CA ALA A 356 15.71 -2.25 6.74
C ALA A 356 14.73 -2.31 5.57
N TYR A 357 13.68 -1.48 5.58
CA TYR A 357 12.66 -1.48 4.53
C TYR A 357 13.17 -0.85 3.22
N CYS A 358 14.09 0.10 3.33
CA CYS A 358 14.63 0.75 2.14
C CYS A 358 15.35 -0.23 1.23
N VAL A 359 15.84 -1.34 1.77
CA VAL A 359 16.52 -2.33 0.94
C VAL A 359 15.56 -2.97 -0.06
N GLY A 360 14.29 -3.14 0.32
CA GLY A 360 13.34 -3.85 -0.52
C GLY A 360 12.30 -2.98 -1.20
N LEU A 361 12.33 -1.67 -0.92
CA LEU A 361 11.49 -0.73 -1.67
C LEU A 361 11.58 -0.97 -3.19
N MET A 362 12.81 -1.12 -3.70
CA MET A 362 12.99 -1.34 -5.14
C MET A 362 12.40 -2.67 -5.59
N GLY A 363 12.59 -3.73 -4.78
CA GLY A 363 11.99 -5.00 -5.13
C GLY A 363 10.47 -4.93 -5.24
N LEU A 364 9.84 -4.21 -4.31
CA LEU A 364 8.38 -4.07 -4.35
C LEU A 364 7.94 -3.31 -5.61
N ILE A 365 8.59 -2.18 -5.88
CA ILE A 365 8.19 -1.38 -7.05
C ILE A 365 8.43 -2.15 -8.34
N VAL A 366 9.44 -3.02 -8.37
CA VAL A 366 9.69 -3.79 -9.59
C VAL A 366 8.72 -4.97 -9.71
N VAL A 367 8.34 -5.59 -8.60
CA VAL A 367 7.37 -6.68 -8.63
C VAL A 367 6.04 -6.19 -9.19
N LYS A 368 5.59 -5.02 -8.74
CA LYS A 368 4.31 -4.51 -9.22
C LYS A 368 4.33 -4.17 -10.70
N VAL A 369 5.49 -3.93 -11.28
CA VAL A 369 5.60 -3.67 -12.71
C VAL A 369 5.75 -4.98 -13.50
N LEU A 370 6.45 -5.97 -12.94
CA LEU A 370 6.77 -7.15 -13.72
C LEU A 370 5.68 -8.21 -13.67
N ALA A 371 4.87 -8.24 -12.61
CA ALA A 371 3.77 -9.19 -12.57
C ALA A 371 2.77 -9.02 -13.72
N PRO A 372 2.37 -7.80 -14.12
CA PRO A 372 1.52 -7.68 -15.32
C PRO A 372 2.16 -8.25 -16.58
N GLY A 373 3.48 -8.39 -16.62
CA GLY A 373 4.12 -9.06 -17.75
C GLY A 373 3.61 -10.48 -17.97
N PHE A 374 3.25 -11.16 -16.88
CA PHE A 374 2.57 -12.44 -16.98
C PHE A 374 1.06 -12.30 -16.96
N TYR A 375 0.53 -11.32 -16.23
CA TYR A 375 -0.92 -11.16 -16.14
C TYR A 375 -1.53 -10.80 -17.50
N SER A 376 -0.84 -9.95 -18.27
CA SER A 376 -1.38 -9.53 -19.56
C SER A 376 -1.39 -10.66 -20.59
N ARG A 377 -0.56 -11.69 -20.40
CA ARG A 377 -0.50 -12.83 -21.29
C ARG A 377 -1.30 -14.02 -20.77
N GLN A 378 -2.22 -13.78 -19.84
CA GLN A 378 -3.08 -14.83 -19.27
C GLN A 378 -2.26 -15.90 -18.56
N ASP A 379 -1.27 -15.47 -17.78
CA ASP A 379 -0.38 -16.37 -17.04
C ASP A 379 -0.44 -16.00 -15.56
N ILE A 380 -1.32 -16.67 -14.82
CA ILE A 380 -1.41 -16.49 -13.38
C ILE A 380 -0.52 -17.47 -12.63
N LYS A 381 -0.09 -18.55 -13.29
CA LYS A 381 0.54 -19.66 -12.59
C LYS A 381 1.95 -19.30 -12.14
N THR A 382 2.76 -18.72 -13.03
CA THR A 382 4.15 -18.40 -12.72
C THR A 382 4.30 -17.41 -11.57
N PRO A 383 3.55 -16.30 -11.51
CA PRO A 383 3.68 -15.41 -10.33
C PRO A 383 3.28 -16.09 -9.04
N VAL A 384 2.30 -17.00 -9.07
CA VAL A 384 1.90 -17.72 -7.86
C VAL A 384 3.02 -18.66 -7.39
N LYS A 385 3.65 -19.37 -8.34
CA LYS A 385 4.79 -20.21 -7.99
C LYS A 385 5.90 -19.40 -7.35
N ILE A 386 6.25 -18.28 -7.99
CA ILE A 386 7.30 -17.42 -7.45
C ILE A 386 6.91 -16.85 -6.09
N ALA A 387 5.62 -16.58 -5.88
CA ALA A 387 5.17 -16.04 -4.60
C ALA A 387 5.25 -17.09 -3.51
N ILE A 388 4.95 -18.35 -3.83
CA ILE A 388 5.11 -19.43 -2.86
C ILE A 388 6.56 -19.55 -2.43
N ILE A 389 7.47 -19.50 -3.41
CA ILE A 389 8.89 -19.55 -3.08
C ILE A 389 9.31 -18.35 -2.24
N THR A 390 8.75 -17.17 -2.55
CA THR A 390 9.06 -15.97 -1.78
C THR A 390 8.58 -16.11 -0.34
N LEU A 391 7.40 -16.69 -0.14
CA LEU A 391 6.92 -16.95 1.21
C LEU A 391 7.87 -17.87 1.98
N ILE A 392 8.34 -18.94 1.32
CA ILE A 392 9.26 -19.86 1.99
C ILE A 392 10.53 -19.11 2.42
N LEU A 393 11.11 -18.33 1.50
CA LEU A 393 12.33 -17.59 1.83
C LEU A 393 12.06 -16.56 2.93
N THR A 394 10.90 -15.90 2.89
CA THR A 394 10.56 -14.91 3.90
C THR A 394 10.55 -15.53 5.28
N GLN A 395 9.92 -16.70 5.41
CA GLN A 395 9.83 -17.32 6.73
C GLN A 395 11.18 -17.86 7.18
N LEU A 396 11.99 -18.36 6.25
CA LEU A 396 13.35 -18.78 6.60
C LEU A 396 14.15 -17.61 7.18
N MET A 397 14.11 -16.47 6.49
CA MET A 397 14.86 -15.32 6.95
C MET A 397 14.29 -14.76 8.26
N ASN A 398 12.97 -14.82 8.43
CA ASN A 398 12.38 -14.41 9.71
C ASN A 398 12.95 -15.25 10.86
N LEU A 399 12.92 -16.58 10.69
CA LEU A 399 13.45 -17.46 11.72
C LEU A 399 14.93 -17.19 11.98
N ALA A 400 15.69 -16.87 10.93
CA ALA A 400 17.12 -16.65 11.11
C ALA A 400 17.44 -15.30 11.73
N PHE A 401 16.63 -14.27 11.47
CA PHE A 401 16.98 -12.90 11.83
C PHE A 401 16.33 -12.42 13.11
N ILE A 402 15.23 -13.00 13.55
CA ILE A 402 14.46 -12.41 14.69
C ILE A 402 15.27 -12.25 15.99
N GLY A 403 16.01 -13.27 16.43
CA GLY A 403 16.69 -13.19 17.73
C GLY A 403 17.69 -12.05 17.80
N SER A 404 18.45 -11.83 16.73
CA SER A 404 19.51 -10.80 16.75
C SER A 404 19.02 -9.43 16.31
N LEU A 405 18.34 -9.33 15.17
CA LEU A 405 17.95 -8.00 14.62
C LEU A 405 16.54 -7.62 15.04
N LYS A 406 15.78 -8.54 15.64
CA LYS A 406 14.42 -8.26 16.13
C LYS A 406 13.50 -7.72 15.02
N HIS A 407 12.79 -6.62 15.26
CA HIS A 407 11.82 -6.03 14.28
C HIS A 407 12.53 -5.56 13.01
N ALA A 408 13.70 -4.94 13.13
CA ALA A 408 14.46 -4.54 11.96
C ALA A 408 14.83 -5.73 11.10
N GLY A 409 15.07 -6.87 11.73
CA GLY A 409 15.39 -8.10 11.04
C GLY A 409 14.19 -8.65 10.30
N LEU A 410 13.01 -8.57 10.93
CA LEU A 410 11.79 -8.93 10.20
C LEU A 410 11.60 -8.04 8.96
N ALA A 411 11.84 -6.74 9.11
CA ALA A 411 11.74 -5.83 7.98
C ALA A 411 12.75 -6.17 6.89
N LEU A 412 13.98 -6.49 7.29
CA LEU A 412 15.01 -6.86 6.32
C LEU A 412 14.65 -8.15 5.60
N SER A 413 14.06 -9.10 6.32
CA SER A 413 13.59 -10.33 5.68
C SER A 413 12.57 -10.01 4.60
N ILE A 414 11.59 -9.14 4.91
CA ILE A 414 10.60 -8.78 3.90
C ILE A 414 11.27 -8.08 2.72
N SER A 415 12.29 -7.25 3.00
CA SER A 415 12.98 -6.52 1.93
C SER A 415 13.72 -7.46 0.98
N LEU A 416 14.50 -8.39 1.54
CA LEU A 416 15.25 -9.33 0.71
C LEU A 416 14.30 -10.26 -0.05
N ALA A 417 13.18 -10.64 0.59
CA ALA A 417 12.20 -11.47 -0.10
C ALA A 417 11.60 -10.75 -1.29
N ALA A 418 11.28 -9.46 -1.14
CA ALA A 418 10.77 -8.68 -2.26
C ALA A 418 11.82 -8.54 -3.37
N CYS A 419 13.08 -8.35 -2.98
CA CYS A 419 14.15 -8.26 -3.96
C CYS A 419 14.23 -9.52 -4.81
N PHE A 420 14.21 -10.68 -4.16
CA PHE A 420 14.34 -11.92 -4.93
C PHE A 420 13.05 -12.28 -5.66
N ASN A 421 11.89 -11.83 -5.15
CA ASN A 421 10.65 -11.96 -5.91
C ASN A 421 10.76 -11.23 -7.24
N ALA A 422 11.22 -9.98 -7.20
CA ALA A 422 11.40 -9.21 -8.43
C ALA A 422 12.42 -9.87 -9.35
N LEU A 423 13.54 -10.34 -8.78
CA LEU A 423 14.57 -10.96 -9.61
C LEU A 423 14.06 -12.24 -10.27
N MET A 424 13.30 -13.05 -9.54
CA MET A 424 12.76 -14.28 -10.10
C MET A 424 11.75 -13.98 -11.22
N LEU A 425 10.90 -12.97 -11.02
CA LEU A 425 9.97 -12.58 -12.08
C LEU A 425 10.72 -12.14 -13.34
N TYR A 426 11.74 -11.30 -13.17
CA TYR A 426 12.50 -10.81 -14.33
C TYR A 426 13.23 -11.94 -15.02
N TRP A 427 13.82 -12.86 -14.26
CA TRP A 427 14.55 -13.97 -14.87
C TRP A 427 13.61 -14.94 -15.57
N GLN A 428 12.38 -15.09 -15.06
CA GLN A 428 11.38 -15.88 -15.78
C GLN A 428 11.01 -15.22 -17.09
N LEU A 429 10.85 -13.90 -17.09
CA LEU A 429 10.55 -13.20 -18.32
C LEU A 429 11.67 -13.35 -19.34
N ARG A 430 12.93 -13.27 -18.88
CA ARG A 430 14.05 -13.45 -19.80
C ARG A 430 14.15 -14.89 -20.29
N ARG A 431 13.82 -15.85 -19.41
CA ARG A 431 13.97 -17.26 -19.77
C ARG A 431 12.97 -17.67 -20.83
N GLN A 432 11.72 -17.25 -20.71
CA GLN A 432 10.67 -17.59 -21.67
C GLN A 432 10.72 -16.71 -22.92
N ALA A 433 11.76 -15.89 -23.08
CA ALA A 433 11.92 -15.00 -24.23
C ALA A 433 10.72 -14.07 -24.40
N ILE A 434 10.08 -13.70 -23.29
CA ILE A 434 8.94 -12.79 -23.37
C ILE A 434 9.40 -11.34 -23.48
N PHE A 435 10.44 -10.97 -22.75
CA PHE A 435 10.94 -9.61 -22.73
C PHE A 435 12.47 -9.61 -22.77
N SER A 436 13.02 -8.66 -23.52
CA SER A 436 14.46 -8.44 -23.60
C SER A 436 14.64 -6.93 -23.55
N PRO A 437 15.54 -6.42 -22.70
CA PRO A 437 15.65 -4.98 -22.54
C PRO A 437 16.18 -4.29 -23.79
N LEU A 438 15.78 -3.03 -23.96
CA LEU A 438 16.25 -2.23 -25.08
C LEU A 438 17.73 -1.89 -24.92
N VAL A 439 18.32 -1.35 -25.99
CA VAL A 439 19.71 -0.93 -25.93
C VAL A 439 19.82 0.35 -25.11
N GLY A 440 20.99 0.54 -24.49
CA GLY A 440 21.27 1.74 -23.74
C GLY A 440 21.04 1.68 -22.25
N TRP A 441 21.05 0.49 -21.66
CA TRP A 441 20.89 0.38 -20.21
C TRP A 441 22.18 0.73 -19.48
N GLY A 442 23.33 0.51 -20.11
CA GLY A 442 24.59 0.83 -19.46
C GLY A 442 24.78 2.31 -19.22
N LYS A 443 24.58 3.13 -20.25
CA LYS A 443 24.67 4.57 -20.08
C LYS A 443 23.60 5.09 -19.12
N PHE A 444 22.40 4.52 -19.20
CA PHE A 444 21.34 4.88 -18.28
C PHE A 444 21.78 4.67 -16.84
N LEU A 445 22.27 3.47 -16.52
CA LEU A 445 22.69 3.16 -15.16
C LEU A 445 23.90 3.99 -14.74
N LEU A 446 24.82 4.28 -15.65
CA LEU A 446 25.98 5.08 -15.29
C LEU A 446 25.58 6.51 -14.90
N LYS A 447 24.73 7.13 -15.72
CA LYS A 447 24.24 8.47 -15.36
C LYS A 447 23.42 8.43 -14.08
N LEU A 448 22.64 7.36 -13.88
CA LEU A 448 21.89 7.20 -12.64
C LEU A 448 22.83 7.17 -11.43
N ILE A 449 23.89 6.37 -11.52
CA ILE A 449 24.83 6.24 -10.41
C ILE A 449 25.52 7.57 -10.13
N ALA A 450 25.90 8.30 -11.18
CA ALA A 450 26.54 9.60 -10.97
C ALA A 450 25.60 10.59 -10.29
N ALA A 451 24.35 10.67 -10.77
CA ALA A 451 23.37 11.55 -10.13
C ALA A 451 23.12 11.14 -8.68
N LEU A 452 23.07 9.84 -8.41
CA LEU A 452 22.87 9.36 -7.04
C LEU A 452 24.02 9.78 -6.14
N ILE A 453 25.25 9.71 -6.67
CA ILE A 453 26.41 10.13 -5.90
C ILE A 453 26.33 11.62 -5.58
N VAL A 454 25.94 12.43 -6.57
CA VAL A 454 25.78 13.87 -6.34
C VAL A 454 24.74 14.13 -5.26
N MET A 455 23.61 13.41 -5.34
CA MET A 455 22.54 13.59 -4.36
C MET A 455 22.99 13.21 -2.96
N VAL A 456 23.69 12.08 -2.83
CA VAL A 456 24.17 11.64 -1.53
C VAL A 456 25.16 12.65 -0.96
N ALA A 457 26.07 13.15 -1.80
CA ALA A 457 27.03 14.15 -1.35
C ALA A 457 26.32 15.39 -0.82
N VAL A 458 25.34 15.90 -1.58
CA VAL A 458 24.64 17.10 -1.14
C VAL A 458 23.90 16.85 0.17
N LEU A 459 23.23 15.70 0.29
CA LEU A 459 22.49 15.38 1.51
C LEU A 459 23.41 15.34 2.71
N LEU A 460 24.51 14.59 2.61
CA LEU A 460 25.43 14.45 3.74
C LEU A 460 26.09 15.78 4.07
N LEU A 461 26.45 16.57 3.06
CA LEU A 461 27.02 17.89 3.29
C LEU A 461 26.08 18.76 4.10
N LEU A 462 24.81 18.81 3.71
CA LEU A 462 23.86 19.65 4.44
C LEU A 462 23.61 19.11 5.85
N LEU A 463 23.55 17.79 6.00
CA LEU A 463 23.28 17.21 7.31
C LEU A 463 24.44 17.44 8.28
N ASN A 464 25.66 17.57 7.76
CA ASN A 464 26.80 17.81 8.63
C ASN A 464 26.79 19.20 9.25
N PHE A 465 26.00 20.13 8.70
CA PHE A 465 25.98 21.51 9.15
C PHE A 465 24.85 21.83 10.11
N MET A 466 24.01 20.86 10.44
CA MET A 466 22.76 21.27 11.06
C MET A 466 22.71 20.88 12.54
N PRO A 467 21.97 21.63 13.34
CA PRO A 467 21.92 21.36 14.79
C PRO A 467 21.18 20.06 15.07
N PRO A 468 21.20 19.58 16.31
CA PRO A 468 20.47 18.34 16.62
C PRO A 468 18.99 18.46 16.27
N TRP A 469 18.46 17.42 15.63
CA TRP A 469 17.11 17.49 15.08
C TRP A 469 16.04 17.53 16.16
N GLU A 470 16.36 17.12 17.38
N GLU A 470 16.34 17.11 17.38
CA GLU A 470 15.39 17.17 18.47
CA GLU A 470 15.36 17.18 18.45
C GLU A 470 15.15 18.59 18.95
C GLU A 470 15.16 18.59 18.98
N GLN A 471 16.15 19.46 18.80
CA GLN A 471 16.02 20.85 19.23
C GLN A 471 15.21 21.63 18.20
N GLY A 472 14.26 22.42 18.67
CA GLY A 472 13.34 23.10 17.79
C GLY A 472 11.98 22.45 17.79
N ASN A 473 10.94 23.29 17.61
CA ASN A 473 9.57 22.80 17.62
C ASN A 473 9.25 22.18 16.25
N MET A 474 7.98 21.80 16.06
CA MET A 474 7.57 21.10 14.85
C MET A 474 7.79 21.95 13.60
N LEU A 475 7.46 23.24 13.69
CA LEU A 475 7.64 24.13 12.55
C LEU A 475 9.10 24.15 12.09
N VAL A 476 10.02 24.36 13.03
CA VAL A 476 11.45 24.41 12.71
C VAL A 476 11.91 23.10 12.09
N ARG A 477 11.56 21.97 12.72
CA ARG A 477 12.02 20.67 12.24
C ARG A 477 11.52 20.38 10.83
N ILE A 478 10.23 20.62 10.59
CA ILE A 478 9.66 20.32 9.28
C ILE A 478 10.19 21.29 8.23
N THR A 479 10.45 22.55 8.59
CA THR A 479 11.06 23.47 7.64
C THR A 479 12.45 23.00 7.24
N ARG A 480 13.25 22.59 8.23
CA ARG A 480 14.60 22.08 7.95
C ARG A 480 14.56 20.84 7.07
N LEU A 481 13.66 19.90 7.40
CA LEU A 481 13.53 18.68 6.61
C LEU A 481 13.13 18.98 5.18
N LEU A 482 12.14 19.85 4.99
CA LEU A 482 11.69 20.21 3.65
C LEU A 482 12.81 20.87 2.86
N LEU A 483 13.59 21.73 3.51
CA LEU A 483 14.70 22.39 2.80
C LEU A 483 15.77 21.38 2.38
N VAL A 484 16.11 20.44 3.26
CA VAL A 484 17.12 19.43 2.93
C VAL A 484 16.61 18.54 1.80
N VAL A 485 15.35 18.13 1.86
CA VAL A 485 14.78 17.29 0.81
C VAL A 485 14.76 18.03 -0.52
N PHE A 486 14.40 19.32 -0.49
CA PHE A 486 14.41 20.12 -1.71
C PHE A 486 15.81 20.17 -2.32
N ALA A 487 16.82 20.43 -1.48
CA ALA A 487 18.18 20.49 -1.99
C ALA A 487 18.60 19.16 -2.61
N GLY A 488 18.32 18.06 -1.91
CA GLY A 488 18.72 16.75 -2.42
C GLY A 488 18.06 16.41 -3.74
N ALA A 489 16.74 16.59 -3.81
CA ALA A 489 16.00 16.27 -5.03
C ALA A 489 16.44 17.15 -6.19
N MET A 490 16.61 18.45 -5.95
CA MET A 490 16.98 19.35 -7.03
C MET A 490 18.39 19.04 -7.52
N SER A 491 19.30 18.66 -6.63
CA SER A 491 20.64 18.28 -7.06
C SER A 491 20.60 17.00 -7.89
N TYR A 492 19.79 16.03 -7.47
CA TYR A 492 19.67 14.78 -8.22
C TYR A 492 19.17 15.04 -9.64
N PHE A 493 18.05 15.76 -9.77
CA PHE A 493 17.51 15.99 -11.10
C PHE A 493 18.40 16.90 -11.93
N ALA A 494 19.13 17.82 -11.29
CA ALA A 494 20.06 18.67 -12.02
C ALA A 494 21.22 17.86 -12.59
N ALA A 495 21.77 16.94 -11.79
CA ALA A 495 22.81 16.06 -12.31
C ALA A 495 22.29 15.20 -13.45
N LEU A 496 21.07 14.66 -13.30
CA LEU A 496 20.47 13.87 -14.38
C LEU A 496 20.38 14.67 -15.66
N PHE A 497 19.92 15.94 -15.57
CA PHE A 497 19.85 16.78 -16.76
C PHE A 497 21.23 17.06 -17.34
N ILE A 498 22.22 17.28 -16.47
CA ILE A 498 23.58 17.57 -16.94
C ILE A 498 24.13 16.39 -17.72
N PHE A 499 23.80 15.17 -17.30
CA PHE A 499 24.33 13.98 -17.96
C PHE A 499 23.49 13.50 -19.13
N GLY A 500 22.47 14.26 -19.53
CA GLY A 500 21.78 14.02 -20.80
C GLY A 500 20.31 13.64 -20.68
N PHE A 501 19.80 13.34 -19.49
CA PHE A 501 18.41 12.92 -19.36
C PHE A 501 17.46 14.07 -19.65
N ARG A 502 16.45 13.80 -20.47
CA ARG A 502 15.45 14.78 -20.86
C ARG A 502 14.07 14.23 -20.59
N LEU A 503 13.18 15.08 -20.09
CA LEU A 503 11.83 14.64 -19.73
C LEU A 503 11.03 14.24 -20.96
N ARG A 504 11.19 14.98 -22.06
CA ARG A 504 10.50 14.63 -23.30
C ARG A 504 10.87 13.22 -23.76
N ASP A 505 12.15 12.87 -23.67
CA ASP A 505 12.60 11.57 -24.18
C ASP A 505 12.00 10.43 -23.38
N PHE A 506 11.85 10.61 -22.07
CA PHE A 506 11.24 9.56 -21.26
C PHE A 506 9.73 9.52 -21.39
N SER A 507 9.10 10.67 -21.61
CA SER A 507 7.66 10.68 -21.87
C SER A 507 7.32 9.99 -23.18
N GLN A 508 8.20 10.09 -24.19
CA GLN A 508 7.93 9.43 -25.46
C GLN A 508 7.87 7.91 -25.30
N ARG A 509 8.63 7.35 -24.36
CA ARG A 509 8.63 5.91 -24.16
C ARG A 509 7.37 5.40 -23.46
N ALA A 510 6.61 6.29 -22.82
CA ALA A 510 5.37 5.87 -22.18
C ALA A 510 4.33 5.49 -23.22
N ILE A 511 4.13 6.35 -24.23
CA ILE A 511 3.41 6.03 -25.46
C ILE A 511 3.41 7.25 -26.37
C18 OLC B . 17.85 -4.76 -5.64
C10 OLC B . 15.68 -6.29 -13.16
C9 OLC B . 15.37 -5.15 -13.72
C17 OLC B . 17.73 -5.94 -6.58
C11 OLC B . 15.22 -6.74 -11.81
C8 OLC B . 15.73 -4.75 -15.11
C24 OLC B . 25.45 -2.97 -19.25
C16 OLC B . 16.38 -6.61 -6.51
C12 OLC B . 15.47 -5.72 -10.74
C7 OLC B . 17.21 -4.80 -15.39
C15 OLC B . 15.25 -5.68 -6.86
C13 OLC B . 15.18 -6.20 -9.33
C6 OLC B . 17.56 -4.56 -16.85
C14 OLC B . 15.31 -5.15 -8.27
C5 OLC B . 19.01 -4.76 -17.19
C4 OLC B . 19.30 -4.70 -18.67
C3 OLC B . 20.73 -4.96 -19.07
C2 OLC B . 20.90 -5.01 -20.55
C21 OLC B . 24.32 -3.92 -21.30
C1 OLC B . 22.32 -5.13 -21.02
C22 OLC B . 25.04 -2.75 -20.69
O19 OLC B . 22.77 -6.05 -21.63
O25 OLC B . 24.33 -3.28 -18.42
O23 OLC B . 26.18 -2.42 -21.48
O20 OLC B . 23.04 -4.07 -20.65
C18 OLC C . -13.83 -14.01 10.13
C10 OLC C . -9.98 -20.53 14.82
C9 OLC C . -10.13 -21.05 16.00
C17 OLC C . -13.19 -15.21 10.79
C11 OLC C . -10.94 -20.65 13.66
C8 OLC C . -11.34 -21.75 16.54
C24 OLC C . -16.52 -15.46 23.18
C16 OLC C . -14.15 -16.10 11.52
C12 OLC C . -11.36 -19.35 13.08
C7 OLC C . -12.41 -20.80 17.00
C15 OLC C . -13.51 -17.29 12.19
C13 OLC C . -12.28 -19.48 11.87
C6 OLC C . -13.63 -21.48 17.60
C14 OLC C . -12.73 -18.18 11.27
C5 OLC C . -14.71 -20.54 18.09
C4 OLC C . -15.93 -21.25 18.64
C3 OLC C . -17.04 -20.31 19.09
C2 OLC C . -16.64 -19.48 20.26
C21 OLC C . -18.36 -17.00 22.38
C1 OLC C . -17.75 -18.58 20.74
C22 OLC C . -17.74 -16.27 23.55
O19 OLC C . -18.84 -18.49 20.25
O25 OLC C . -16.82 -14.50 22.16
O23 OLC C . -18.72 -15.44 24.17
O20 OLC C . -17.36 -17.87 21.81
C18 OLC D . -16.40 11.45 13.63
C10 OLC D . -15.74 18.19 6.17
C9 OLC D . -14.66 18.78 5.74
C17 OLC D . -16.62 12.87 13.20
C11 OLC D . -16.10 17.96 7.61
C8 OLC D . -14.24 18.89 4.31
C24 OLC D . -13.39 16.90 -5.66
C16 OLC D . -16.50 13.09 11.71
C12 OLC D . -16.15 16.51 7.97
C7 OLC D . -12.95 18.18 4.03
C15 OLC D . -16.66 14.52 11.29
C13 OLC D . -16.45 16.24 9.44
C6 OLC D . -11.83 19.07 3.55
C14 OLC D . -16.44 14.77 9.82
C5 OLC D . -12.12 19.79 2.26
C4 OLC D . -10.92 20.42 1.59
C3 OLC D . -11.18 20.77 0.13
C2 OLC D . -11.91 19.67 -0.57
C21 OLC D . -12.65 18.64 -3.98
C1 OLC D . -12.09 19.88 -2.04
C22 OLC D . -12.51 17.21 -4.46
O19 OLC D . -12.32 20.93 -2.58
O25 OLC D . -13.29 15.53 -6.03
O23 OLC D . -11.15 16.97 -4.78
O20 OLC D . -11.99 18.72 -2.69
C18 OLC E . -3.68 -18.47 8.61
C10 OLC E . 4.26 -20.47 13.10
C9 OLC E . 5.12 -19.60 12.62
C17 OLC E . -2.68 -18.92 9.65
C11 OLC E . 3.32 -21.31 12.30
C8 OLC E . 6.42 -19.22 13.26
C24 OLC E . 13.25 -12.93 20.20
C16 OLC E . -1.40 -19.44 9.05
C12 OLC E . 2.43 -20.54 11.37
C7 OLC E . 6.31 -18.79 14.69
C15 OLC E . -0.42 -20.00 10.05
C13 OLC E . 1.67 -21.41 10.39
C6 OLC E . 7.65 -18.63 15.39
C14 OLC E . 0.79 -20.66 9.42
C5 OLC E . 7.58 -18.25 16.85
C4 OLC E . 8.92 -18.30 17.56
C3 OLC E . 9.98 -17.43 16.93
C2 OLC E . 10.15 -16.12 17.65
C21 OLC E . 11.01 -14.06 19.86
C1 OLC E . 11.00 -16.23 18.89
C22 OLC E . 11.90 -13.25 20.80
O19 OLC E . 10.42 -15.40 18.23
O25 OLC E . 13.94 -14.10 19.79
O23 OLC E . 11.22 -12.06 21.19
O20 OLC E . 11.51 -15.41 19.80
C18 OLC F . 8.56 -18.34 21.32
C10 OLC F . 2.63 -21.27 16.31
C9 OLC F . 1.82 -20.26 16.48
C17 OLC F . 7.58 -19.13 22.16
C11 OLC F . 4.07 -21.31 16.72
C8 OLC F . 0.39 -20.21 16.05
C24 OLC F . 5.13 -16.71 24.46
C16 OLC F . 7.68 -20.62 21.94
C12 OLC F . 4.29 -21.02 18.17
C7 OLC F . -0.56 -20.15 17.21
C15 OLC F . 7.40 -21.06 20.53
C13 OLC F . 5.73 -21.17 18.63
C6 OLC F . -0.59 -21.42 18.06
C14 OLC F . 5.98 -20.81 20.07
C5 OLC F . -0.63 -21.16 19.54
C4 OLC F . 0.64 -20.55 20.08
C3 OLC F . 0.55 -20.07 21.52
C2 OLC F . 1.84 -19.51 22.01
C21 OLC F . 2.91 -17.75 25.07
C1 OLC F . 1.73 -18.86 23.36
C22 OLC F . 4.33 -17.48 25.49
O19 OLC F . 0.71 -18.70 23.97
O25 OLC F . 6.47 -16.49 24.89
O23 OLC F . 4.33 -16.78 26.73
O20 OLC F . 2.91 -18.47 23.82
C18 OLC G . 22.58 2.30 2.73
C10 OLC G . 19.18 -1.07 -4.57
C9 OLC G . 20.13 -1.32 -5.44
C17 OLC G . 21.44 2.27 1.73
C11 OLC G . 19.32 -0.71 -3.12
C8 OLC G . 19.88 -1.62 -6.89
C24 OLC G . 20.28 -8.47 -16.07
C16 OLC G . 20.45 1.16 1.97
C12 OLC G . 18.74 0.64 -2.80
C7 OLC G . 20.42 -2.95 -7.33
C15 OLC G . 19.28 1.14 1.04
C13 OLC G . 18.44 0.89 -1.34
C6 OLC G . 19.83 -3.45 -8.63
C14 OLC G . 19.63 0.88 -0.41
C5 OLC G . 20.23 -4.87 -8.99
C4 OLC G . 19.29 -5.55 -9.97
C3 OLC G . 19.33 -4.98 -11.38
C2 OLC G . 20.36 -5.66 -12.24
C21 OLC G . 20.78 -9.04 -13.67
C1 OLC G . 20.02 -7.09 -12.57
C22 OLC G . 19.80 -9.16 -14.80
O19 OLC G . 19.03 -7.66 -12.21
O25 OLC G . 19.38 -8.71 -17.16
O23 OLC G . 19.51 -10.53 -15.05
O20 OLC G . 20.97 -7.66 -13.31
C18 OLC H . 15.11 12.22 -5.17
C10 OLC H . 11.09 13.08 2.52
C9 OLC H . 9.88 13.48 2.81
C17 OLC H . 14.51 11.94 -3.82
C11 OLC H . 11.50 11.72 2.05
C8 OLC H . 9.53 14.81 3.40
C24 OLC H . 1.61 16.64 11.54
C16 OLC H . 14.32 13.17 -2.98
C12 OLC H . 12.29 11.71 0.78
C7 OLC H . 8.08 14.96 3.76
C15 OLC H . 13.68 12.94 -1.64
C13 OLC H . 11.55 12.29 -0.41
C6 OLC H . 7.77 16.20 4.58
C14 OLC H . 12.32 12.26 -1.70
C5 OLC H . 6.32 16.36 4.97
C4 OLC H . 5.75 15.18 5.74
C3 OLC H . 4.31 15.38 6.19
C2 OLC H . 4.19 16.31 7.36
C21 OLC H . 3.28 15.87 9.80
C1 OLC H . 2.76 16.72 7.63
C22 OLC H . 3.04 16.71 11.04
O19 OLC H . 2.10 17.39 6.89
O25 OLC H . 1.41 17.47 12.68
O23 OLC H . 3.93 16.30 12.07
O20 OLC H . 2.31 16.27 8.80
C18 OLC I . -7.33 -16.07 9.81
C10 OLC I . -10.42 -10.35 5.63
C9 OLC I . -10.94 -10.65 4.47
C17 OLC I . -8.46 -15.15 10.19
C11 OLC I . -11.20 -10.21 6.90
C8 OLC I . -12.35 -11.09 4.26
C24 OLC I . -12.37 -3.18 -4.52
C16 OLC I . -8.29 -13.73 9.72
C12 OLC I . -10.78 -11.14 8.00
C7 OLC I . -13.23 -10.07 3.61
C15 OLC I . -9.35 -12.78 10.23
C13 OLC I . -9.34 -10.95 8.47
C6 OLC I . -12.87 -9.73 2.16
C14 OLC I . -9.10 -11.33 9.91
C5 OLC I . -13.84 -8.77 1.51
C4 OLC I . -13.51 -8.43 0.08
C3 OLC I . -14.45 -7.40 -0.55
C2 OLC I . -14.00 -6.95 -1.90
C21 OLC I . -14.71 -3.98 -3.97
C1 OLC I . -14.72 -5.72 -2.38
C22 OLC I . -13.78 -3.41 -5.02
O19 OLC I . -15.69 -5.23 -1.86
O25 OLC I . -11.52 -2.67 -5.55
O23 OLC I . -13.78 -4.25 -6.17
O20 OLC I . -14.13 -5.20 -3.46
C1 MPD J . -26.48 1.36 -0.95
C2 MPD J . -25.25 0.50 -1.22
O2 MPD J . -25.61 -0.90 -1.21
CM MPD J . -24.23 0.74 -0.10
C3 MPD J . -24.65 0.85 -2.58
C4 MPD J . -23.24 0.28 -2.74
O4 MPD J . -23.24 -0.68 -3.76
C5 MPD J . -22.25 1.38 -3.09
C1 MPD K . 0.82 -5.80 12.25
C2 MPD K . 0.99 -5.42 10.79
O2 MPD K . 1.02 -3.96 10.71
CM MPD K . -0.19 -5.93 9.97
C3 MPD K . 2.31 -5.93 10.22
C4 MPD K . 2.63 -7.35 10.68
O4 MPD K . 2.28 -8.26 9.67
C5 MPD K . 4.12 -7.49 10.99
#